data_1MCS
#
_entry.id   1MCS
#
_cell.length_a   72.300
_cell.length_b   72.300
_cell.length_c   185.900
_cell.angle_alpha   90.00
_cell.angle_beta   90.00
_cell.angle_gamma   120.00
#
_symmetry.space_group_name_H-M   'P 31 2 1'
#
loop_
_entity.id
_entity.type
_entity.pdbx_description
1 polymer 'IMMUNOGLOBULIN LAMBDA DIMER MCG (LIGHT CHAIN)'
2 polymer 'PEPTIDE  N-ACETYL-L-GLN-D-PHE-L-HIS-D-PRO-OH'
#
loop_
_entity_poly.entity_id
_entity_poly.type
_entity_poly.pdbx_seq_one_letter_code
_entity_poly.pdbx_strand_id
1 'polypeptide(L)'
;PSALTQPPSASGSLGQSVTISCTGTSSDVGGYNYVSWYQQHAGKAPKVIIYEVNKRPSGVPDRFSGSKSGNTASLTVSGL
QAEDEADYYCSSYEGSDNFVFGTGTKVTVLGQPKANPTVTLFPPSSEELQANKATLVCLISDFYPGAVTVAWKADGSPVK
AGVETTKPSKQSNNKYAASSYLSLTPEQWKSHRSYSCQVTHEGSTVEKTVAPTECS
;
A,B
2 'polypeptide(L)' (ACE)Q(DPN)H(DPR) P
#
# COMPACT_ATOMS: atom_id res chain seq x y z
N PRO A 1 -7.16 15.31 -26.46
CA PRO A 1 -6.27 16.40 -26.90
C PRO A 1 -4.84 16.08 -26.53
N SER A 2 -4.48 16.44 -25.30
CA SER A 2 -3.13 16.19 -24.77
C SER A 2 -3.18 15.95 -23.26
N ALA A 3 -2.11 15.34 -22.80
CA ALA A 3 -1.86 15.01 -21.38
C ALA A 3 -0.46 15.52 -21.07
N LEU A 4 -0.38 16.43 -20.12
CA LEU A 4 0.85 17.22 -19.92
C LEU A 4 2.13 16.41 -19.98
N THR A 5 3.05 16.95 -20.79
CA THR A 5 4.35 16.27 -20.97
C THR A 5 5.23 16.45 -19.74
N GLN A 6 5.74 15.32 -19.33
CA GLN A 6 6.57 15.11 -18.13
C GLN A 6 7.58 14.03 -18.50
N PRO A 7 8.79 14.11 -17.97
CA PRO A 7 9.83 13.09 -18.20
C PRO A 7 9.87 12.08 -17.06
N PRO A 8 9.97 10.80 -17.45
CA PRO A 8 10.07 9.68 -16.48
C PRO A 8 11.44 9.62 -15.83
N SER A 9 11.66 10.55 -14.89
CA SER A 9 12.90 10.69 -14.16
C SER A 9 13.04 11.95 -13.33
N ALA A 10 14.13 11.96 -12.62
CA ALA A 10 14.62 12.98 -11.70
C ALA A 10 15.46 12.11 -10.71
N SER A 11 16.67 11.93 -11.17
CA SER A 11 17.68 11.14 -10.43
C SER A 11 18.53 12.22 -9.75
N GLY A 12 18.26 12.35 -8.47
CA GLY A 12 19.11 13.28 -7.65
C GLY A 12 19.99 12.41 -6.75
N SER A 13 20.58 13.05 -5.75
CA SER A 13 21.37 12.33 -4.76
C SER A 13 21.42 12.97 -3.38
N LEU A 14 20.94 12.25 -2.37
CA LEU A 14 21.01 12.57 -0.96
C LEU A 14 21.58 13.95 -0.62
N GLY A 15 20.71 14.92 -0.41
CA GLY A 15 21.13 16.32 -0.21
C GLY A 15 21.04 17.14 -1.49
N GLN A 16 21.65 16.66 -2.55
CA GLN A 16 21.65 17.26 -3.88
C GLN A 16 20.21 17.61 -4.28
N SER A 17 20.09 18.40 -5.34
CA SER A 17 18.80 18.94 -5.76
C SER A 17 18.30 18.14 -6.98
N VAL A 18 17.04 18.44 -7.25
CA VAL A 18 16.36 18.00 -8.46
C VAL A 18 15.08 18.87 -8.56
N THR A 19 14.82 19.16 -9.80
CA THR A 19 13.73 20.10 -10.17
C THR A 19 13.04 19.42 -11.34
N ILE A 20 11.72 19.43 -11.31
CA ILE A 20 10.91 18.75 -12.29
C ILE A 20 9.97 19.76 -12.99
N SER A 21 10.36 19.92 -14.24
CA SER A 21 9.57 20.71 -15.20
C SER A 21 8.48 19.75 -15.70
N CYS A 22 7.41 20.36 -16.09
CA CYS A 22 6.20 19.72 -16.61
C CYS A 22 5.72 20.80 -17.61
N THR A 23 5.67 20.36 -18.86
CA THR A 23 5.31 21.24 -19.97
C THR A 23 3.85 21.06 -20.34
N GLY A 24 3.18 22.21 -20.31
CA GLY A 24 1.76 22.34 -20.61
C GLY A 24 1.55 23.16 -21.89
N THR A 25 0.37 23.75 -21.99
CA THR A 25 -0.03 24.52 -23.18
C THR A 25 -0.88 25.73 -22.84
N SER A 26 -0.97 26.60 -23.85
CA SER A 26 -1.69 27.87 -23.82
C SER A 26 -2.93 27.71 -22.95
N SER A 27 -3.72 26.78 -23.39
CA SER A 27 -5.03 26.38 -22.95
C SER A 27 -5.17 26.06 -21.47
N ASP A 28 -4.07 25.96 -20.78
CA ASP A 28 -4.00 25.45 -19.39
C ASP A 28 -2.78 26.11 -18.74
N VAL A 29 -1.68 25.38 -18.73
CA VAL A 29 -0.37 25.92 -18.39
C VAL A 29 0.06 26.99 -19.41
N GLY A 30 -0.58 28.12 -19.27
CA GLY A 30 -0.44 29.28 -20.16
C GLY A 30 -1.40 30.34 -19.58
N GLY A 31 -2.68 29.96 -19.61
CA GLY A 31 -3.74 30.88 -19.23
C GLY A 31 -4.40 30.66 -17.92
N TYR A 32 -3.89 29.79 -17.06
CA TYR A 32 -4.41 29.60 -15.70
C TYR A 32 -3.29 29.19 -14.74
N ASN A 33 -3.54 29.56 -13.49
CA ASN A 33 -2.55 29.40 -12.43
C ASN A 33 -2.93 28.26 -11.49
N TYR A 34 -3.36 27.15 -12.11
CA TYR A 34 -3.90 25.99 -11.39
C TYR A 34 -3.14 24.71 -11.78
N VAL A 35 -1.98 24.67 -11.17
CA VAL A 35 -1.00 23.60 -11.33
C VAL A 35 -0.85 22.95 -9.94
N SER A 36 -1.20 21.67 -9.93
CA SER A 36 -0.99 20.85 -8.73
C SER A 36 0.02 19.75 -9.04
N TRP A 37 0.76 19.42 -7.99
CA TRP A 37 1.84 18.44 -8.00
C TRP A 37 1.60 17.37 -6.93
N TYR A 38 1.55 16.14 -7.40
CA TYR A 38 1.25 14.96 -6.59
C TYR A 38 2.51 14.10 -6.40
N GLN A 39 2.55 13.46 -5.25
CA GLN A 39 3.70 12.69 -4.78
C GLN A 39 3.31 11.25 -4.49
N GLN A 40 3.08 10.48 -5.51
CA GLN A 40 2.54 9.12 -5.38
C GLN A 40 3.61 8.04 -5.32
N HIS A 41 3.85 7.54 -4.12
CA HIS A 41 4.63 6.32 -3.87
C HIS A 41 3.79 5.09 -4.29
N ALA A 42 4.41 4.26 -5.10
CA ALA A 42 3.91 3.04 -5.67
C ALA A 42 2.61 2.48 -5.11
N GLY A 43 1.56 2.61 -5.90
CA GLY A 43 0.25 2.03 -5.61
C GLY A 43 -0.50 2.67 -4.46
N LYS A 44 0.12 3.63 -3.80
CA LYS A 44 -0.52 4.35 -2.70
C LYS A 44 -1.47 5.43 -3.25
N ALA A 45 -1.95 6.25 -2.32
CA ALA A 45 -2.79 7.42 -2.61
C ALA A 45 -1.90 8.64 -2.82
N PRO A 46 -2.38 9.56 -3.66
CA PRO A 46 -1.61 10.74 -4.08
C PRO A 46 -1.87 11.90 -3.14
N LYS A 47 -0.83 12.65 -2.83
CA LYS A 47 -0.97 13.80 -1.95
C LYS A 47 -0.58 15.09 -2.66
N VAL A 48 -1.27 16.13 -2.20
CA VAL A 48 -1.09 17.49 -2.70
C VAL A 48 0.20 18.06 -2.11
N ILE A 49 1.28 17.91 -2.86
CA ILE A 49 2.49 18.70 -2.49
C ILE A 49 2.26 20.16 -2.91
N ILE A 50 2.40 20.46 -4.18
CA ILE A 50 2.19 21.85 -4.66
C ILE A 50 0.74 21.95 -5.11
N TYR A 51 0.14 23.07 -4.77
CA TYR A 51 -1.30 23.25 -5.08
C TYR A 51 -1.67 24.39 -5.98
N GLU A 52 -0.95 25.48 -5.92
CA GLU A 52 -1.14 26.62 -6.88
C GLU A 52 0.24 26.96 -7.42
N VAL A 53 0.73 26.10 -8.30
CA VAL A 53 2.03 26.23 -8.98
C VAL A 53 3.21 26.23 -8.02
N ASN A 54 3.21 27.12 -7.05
CA ASN A 54 4.12 27.16 -5.91
C ASN A 54 3.28 27.65 -4.71
N LYS A 55 3.30 26.83 -3.69
CA LYS A 55 2.44 26.97 -2.50
C LYS A 55 1.95 25.55 -2.14
N ARG A 56 2.25 25.13 -0.93
CA ARG A 56 1.94 23.78 -0.45
C ARG A 56 0.98 23.76 0.74
N PRO A 57 0.36 22.59 0.90
CA PRO A 57 -0.44 22.27 2.09
C PRO A 57 0.37 22.44 3.36
N SER A 58 -0.34 23.03 4.32
CA SER A 58 0.20 23.23 5.68
C SER A 58 0.21 21.80 6.26
N GLY A 59 1.29 21.16 5.89
CA GLY A 59 1.54 19.73 6.12
C GLY A 59 2.24 19.20 4.86
N VAL A 60 3.29 19.92 4.47
CA VAL A 60 4.21 19.45 3.44
C VAL A 60 5.64 20.00 3.66
N PRO A 61 6.56 19.05 3.61
CA PRO A 61 8.00 19.29 3.48
C PRO A 61 8.43 20.67 3.05
N ASP A 62 8.94 21.32 4.07
CA ASP A 62 9.53 22.61 4.21
C ASP A 62 10.17 23.16 2.94
N ARG A 63 10.93 22.38 2.20
CA ARG A 63 11.49 22.82 0.92
C ARG A 63 11.14 21.83 -0.18
N PHE A 64 9.92 22.02 -0.65
CA PHE A 64 9.40 21.35 -1.88
C PHE A 64 8.80 22.55 -2.68
N SER A 65 9.72 23.15 -3.38
CA SER A 65 9.43 24.46 -4.03
C SER A 65 8.86 24.18 -5.41
N GLY A 66 8.25 25.19 -5.99
CA GLY A 66 7.57 25.05 -7.29
C GLY A 66 7.55 26.39 -8.01
N SER A 67 7.10 26.34 -9.26
CA SER A 67 7.05 27.58 -10.07
C SER A 67 6.33 27.31 -11.38
N LYS A 68 6.28 28.36 -12.16
CA LYS A 68 5.76 28.37 -13.52
C LYS A 68 6.66 29.30 -14.35
N SER A 69 7.12 28.77 -15.45
CA SER A 69 7.72 29.57 -16.52
C SER A 69 6.94 29.39 -17.84
N GLY A 70 5.86 30.18 -17.92
CA GLY A 70 5.09 30.35 -19.15
C GLY A 70 4.29 29.11 -19.47
N ASN A 71 4.85 28.27 -20.35
CA ASN A 71 4.20 27.00 -20.67
C ASN A 71 4.75 25.84 -19.84
N THR A 72 6.00 25.96 -19.39
CA THR A 72 6.57 24.90 -18.52
C THR A 72 6.48 25.35 -17.07
N ALA A 73 6.31 24.43 -16.16
CA ALA A 73 6.17 24.73 -14.71
C ALA A 73 7.08 23.75 -13.98
N SER A 74 7.40 24.01 -12.72
CA SER A 74 8.37 23.14 -12.05
C SER A 74 8.12 22.92 -10.58
N LEU A 75 8.89 21.92 -10.13
CA LEU A 75 8.93 21.50 -8.72
C LEU A 75 10.42 21.32 -8.35
N THR A 76 10.85 22.26 -7.54
CA THR A 76 12.17 22.33 -6.92
C THR A 76 12.20 21.47 -5.66
N VAL A 77 12.44 20.19 -5.86
CA VAL A 77 12.62 19.23 -4.75
C VAL A 77 14.11 19.35 -4.38
N SER A 78 14.30 20.01 -3.25
CA SER A 78 15.62 20.47 -2.82
C SER A 78 15.75 20.33 -1.31
N GLY A 79 16.13 19.13 -0.96
CA GLY A 79 16.25 18.64 0.44
C GLY A 79 16.11 17.11 0.21
N LEU A 80 17.12 16.67 -0.57
CA LEU A 80 17.11 15.28 -1.03
C LEU A 80 17.29 14.37 0.19
N GLN A 81 16.11 13.90 0.56
CA GLN A 81 15.90 12.76 1.48
C GLN A 81 15.56 11.60 0.54
N ALA A 82 15.17 10.47 1.05
CA ALA A 82 14.91 9.30 0.18
C ALA A 82 13.47 8.84 0.32
N GLU A 83 12.84 9.41 1.35
CA GLU A 83 11.47 9.07 1.71
C GLU A 83 10.64 9.06 0.41
N ASP A 84 10.90 10.11 -0.34
CA ASP A 84 10.26 10.54 -1.54
C ASP A 84 10.56 9.79 -2.82
N GLU A 85 11.18 8.65 -2.77
CA GLU A 85 11.37 7.87 -4.06
C GLU A 85 9.97 7.52 -4.54
N ALA A 86 9.56 7.95 -5.73
CA ALA A 86 8.14 7.88 -6.11
C ALA A 86 7.80 8.18 -7.56
N ASP A 87 6.50 8.43 -7.81
CA ASP A 87 5.99 8.96 -9.08
C ASP A 87 5.29 10.30 -8.76
N TYR A 88 5.73 11.36 -9.42
CA TYR A 88 5.14 12.70 -9.25
C TYR A 88 4.37 13.13 -10.50
N TYR A 89 3.26 13.85 -10.25
CA TYR A 89 2.36 14.28 -11.33
C TYR A 89 2.02 15.76 -11.24
N CYS A 90 1.85 16.37 -12.42
CA CYS A 90 1.40 17.77 -12.50
C CYS A 90 -0.06 17.71 -12.97
N SER A 91 -0.73 18.85 -12.89
CA SER A 91 -2.15 18.95 -13.29
C SER A 91 -2.55 20.42 -13.42
N SER A 92 -3.24 20.70 -14.53
CA SER A 92 -3.63 22.08 -14.84
C SER A 92 -5.11 22.20 -15.19
N TYR A 93 -5.68 23.32 -14.73
CA TYR A 93 -7.06 23.70 -15.20
C TYR A 93 -6.90 23.86 -16.72
N GLU A 94 -7.97 23.64 -17.45
CA GLU A 94 -7.95 24.12 -18.87
C GLU A 94 -9.32 24.62 -19.22
N GLY A 95 -10.12 23.80 -19.87
CA GLY A 95 -11.46 24.20 -20.33
C GLY A 95 -12.38 24.37 -19.12
N SER A 96 -13.66 24.18 -19.40
CA SER A 96 -14.73 24.29 -18.41
C SER A 96 -14.63 23.19 -17.36
N ASP A 97 -14.09 23.59 -16.21
CA ASP A 97 -13.94 22.79 -15.01
C ASP A 97 -13.23 21.45 -15.26
N ASN A 98 -12.45 21.42 -16.33
CA ASN A 98 -11.69 20.21 -16.69
C ASN A 98 -10.24 20.39 -16.27
N PHE A 99 -9.68 19.30 -15.77
CA PHE A 99 -8.31 19.23 -15.25
C PHE A 99 -7.54 18.08 -15.94
N VAL A 100 -6.33 18.44 -16.37
CA VAL A 100 -5.51 17.38 -17.01
C VAL A 100 -4.18 17.24 -16.27
N PHE A 101 -3.85 15.96 -16.13
CA PHE A 101 -2.69 15.44 -15.41
C PHE A 101 -1.52 15.22 -16.35
N GLY A 102 -0.40 14.96 -15.70
CA GLY A 102 0.88 14.80 -16.43
C GLY A 102 1.04 13.35 -16.90
N THR A 103 2.18 13.13 -17.52
CA THR A 103 2.60 11.74 -17.84
C THR A 103 2.89 11.05 -16.51
N GLY A 104 3.78 11.72 -15.79
CA GLY A 104 4.38 11.23 -14.55
C GLY A 104 5.91 11.32 -14.70
N THR A 105 6.48 11.79 -13.61
CA THR A 105 7.95 11.75 -13.41
C THR A 105 8.14 10.66 -12.34
N LYS A 106 9.25 9.98 -12.41
CA LYS A 106 9.57 8.92 -11.43
C LYS A 106 10.85 9.38 -10.75
N VAL A 107 10.70 10.01 -9.59
CA VAL A 107 11.93 10.50 -8.90
C VAL A 107 12.63 9.30 -8.26
N THR A 108 13.95 9.35 -8.38
CA THR A 108 14.86 8.33 -7.87
C THR A 108 16.07 9.00 -7.22
N VAL A 109 16.33 8.58 -6.00
CA VAL A 109 17.33 9.18 -5.10
C VAL A 109 18.56 8.30 -4.91
N LEU A 110 19.74 8.78 -5.33
CA LEU A 110 20.87 7.82 -5.46
C LEU A 110 21.88 7.84 -4.33
N GLY A 111 22.66 6.76 -4.32
CA GLY A 111 23.77 6.57 -3.38
C GLY A 111 23.21 6.36 -1.97
N GLN A 112 22.18 5.53 -1.98
CA GLN A 112 21.54 5.08 -0.71
C GLN A 112 22.45 3.94 -0.25
N PRO A 113 22.58 3.81 1.05
CA PRO A 113 23.46 2.79 1.63
C PRO A 113 22.80 1.43 1.57
N LYS A 114 23.67 0.43 1.39
CA LYS A 114 23.35 -0.98 1.32
C LYS A 114 22.85 -1.53 2.65
N ALA A 115 21.55 -1.85 2.64
CA ALA A 115 20.90 -2.42 3.83
C ALA A 115 20.72 -3.92 3.56
N ASN A 116 20.98 -4.71 4.58
CA ASN A 116 21.14 -6.18 4.46
C ASN A 116 20.18 -6.84 5.46
N PRO A 117 19.46 -7.83 4.95
CA PRO A 117 18.14 -8.20 5.44
C PRO A 117 18.08 -8.76 6.84
N THR A 118 17.03 -8.33 7.55
CA THR A 118 16.74 -8.95 8.88
C THR A 118 15.77 -10.09 8.61
N VAL A 119 16.30 -11.30 8.79
CA VAL A 119 15.57 -12.56 8.63
C VAL A 119 14.99 -12.97 9.99
N THR A 120 13.67 -13.14 10.00
CA THR A 120 13.05 -13.75 11.22
C THR A 120 12.16 -14.88 10.77
N LEU A 121 12.47 -16.07 11.28
CA LEU A 121 11.76 -17.31 10.92
C LEU A 121 10.78 -17.66 12.04
N PHE A 122 9.64 -18.15 11.64
CA PHE A 122 8.48 -18.36 12.53
C PHE A 122 8.06 -19.82 12.45
N PRO A 123 7.59 -20.31 13.58
CA PRO A 123 6.97 -21.65 13.65
C PRO A 123 5.47 -21.48 13.87
N PRO A 124 4.70 -22.44 13.38
CA PRO A 124 3.27 -22.52 13.69
C PRO A 124 3.08 -22.38 15.19
N SER A 125 2.16 -21.51 15.55
CA SER A 125 1.68 -21.41 16.93
C SER A 125 0.50 -22.34 17.16
N SER A 126 0.23 -22.53 18.45
CA SER A 126 -0.76 -23.48 18.93
C SER A 126 -2.09 -23.40 18.18
N GLU A 127 -2.74 -22.28 18.24
CA GLU A 127 -4.04 -22.03 17.59
C GLU A 127 -4.12 -22.60 16.20
N GLU A 128 -3.10 -22.39 15.41
CA GLU A 128 -2.94 -22.90 14.03
C GLU A 128 -2.93 -24.43 14.05
N LEU A 129 -2.15 -24.91 15.05
CA LEU A 129 -2.01 -26.37 15.23
C LEU A 129 -3.24 -27.03 15.83
N GLN A 130 -3.96 -26.33 16.67
CA GLN A 130 -5.17 -26.86 17.32
C GLN A 130 -6.07 -27.25 16.11
N ALA A 131 -6.09 -26.30 15.16
CA ALA A 131 -6.89 -26.59 13.94
C ALA A 131 -6.28 -27.69 13.09
N ASN A 132 -5.04 -28.02 13.34
CA ASN A 132 -4.28 -29.07 12.66
C ASN A 132 -3.71 -28.69 11.29
N LYS A 133 -3.38 -27.42 11.15
CA LYS A 133 -2.44 -27.00 10.07
C LYS A 133 -1.17 -26.56 10.79
N ALA A 134 -0.08 -26.48 10.07
CA ALA A 134 1.14 -25.82 10.55
C ALA A 134 1.92 -25.10 9.47
N THR A 135 1.70 -23.80 9.27
CA THR A 135 2.46 -23.00 8.29
C THR A 135 3.69 -22.39 8.94
N LEU A 136 4.75 -22.12 8.18
CA LEU A 136 5.90 -21.36 8.67
C LEU A 136 6.14 -20.13 7.74
N VAL A 137 6.73 -19.14 8.37
CA VAL A 137 6.88 -17.80 7.77
C VAL A 137 8.31 -17.29 7.93
N CYS A 138 8.83 -16.75 6.85
CA CYS A 138 10.17 -16.13 6.85
C CYS A 138 9.95 -14.68 6.38
N LEU A 139 9.94 -13.85 7.42
CA LEU A 139 9.84 -12.39 7.22
C LEU A 139 11.25 -11.90 6.92
N ILE A 140 11.39 -11.41 5.69
CA ILE A 140 12.66 -10.80 5.24
C ILE A 140 12.41 -9.29 5.23
N SER A 141 13.18 -8.54 6.01
CA SER A 141 12.86 -7.10 6.09
C SER A 141 14.04 -6.16 6.22
N ASP A 142 13.66 -4.87 6.21
CA ASP A 142 14.49 -3.70 6.43
C ASP A 142 15.80 -3.70 5.65
N PHE A 143 15.70 -3.66 4.34
CA PHE A 143 16.90 -3.80 3.48
C PHE A 143 16.88 -2.92 2.24
N TYR A 144 18.04 -2.85 1.59
CA TYR A 144 18.21 -2.08 0.34
C TYR A 144 19.36 -2.70 -0.47
N PRO A 145 19.15 -2.95 -1.75
CA PRO A 145 17.91 -2.77 -2.50
C PRO A 145 16.92 -3.91 -2.31
N GLY A 146 16.10 -4.14 -3.33
CA GLY A 146 14.99 -5.09 -3.25
C GLY A 146 15.04 -6.15 -4.34
N ALA A 147 16.10 -6.91 -4.32
CA ALA A 147 16.24 -8.17 -5.08
C ALA A 147 16.83 -9.13 -4.02
N VAL A 148 16.10 -10.18 -3.77
CA VAL A 148 16.45 -11.13 -2.71
C VAL A 148 15.95 -12.51 -3.15
N THR A 149 16.70 -13.54 -2.74
CA THR A 149 16.16 -14.90 -2.92
C THR A 149 15.96 -15.49 -1.52
N VAL A 150 14.93 -16.29 -1.39
CA VAL A 150 14.56 -16.93 -0.13
C VAL A 150 14.56 -18.45 -0.39
N ALA A 151 15.55 -19.10 0.23
CA ALA A 151 15.60 -20.59 -0.07
C ALA A 151 15.32 -21.35 1.21
N TRP A 152 14.20 -22.04 1.19
CA TRP A 152 13.74 -22.89 2.29
C TRP A 152 14.56 -24.17 2.31
N LYS A 153 14.79 -24.65 3.53
CA LYS A 153 15.48 -26.00 3.59
C LYS A 153 14.58 -26.96 4.34
N ALA A 154 14.44 -28.19 3.82
CA ALA A 154 13.65 -29.18 4.65
C ALA A 154 14.55 -29.35 5.90
N ASP A 155 15.74 -29.68 5.54
CA ASP A 155 16.96 -29.92 6.28
C ASP A 155 17.86 -30.44 5.12
N GLY A 156 18.95 -29.75 4.89
CA GLY A 156 19.70 -30.03 3.63
C GLY A 156 18.65 -30.05 2.50
N SER A 157 18.47 -31.21 1.92
CA SER A 157 17.48 -31.44 0.85
C SER A 157 16.34 -30.42 1.00
N PRO A 158 16.35 -29.51 0.03
CA PRO A 158 15.62 -28.24 0.13
C PRO A 158 14.13 -28.51 -0.06
N VAL A 159 13.36 -27.87 0.80
CA VAL A 159 11.91 -28.04 0.89
C VAL A 159 11.18 -27.08 -0.05
N LYS A 160 11.94 -26.54 -0.99
CA LYS A 160 11.37 -25.53 -1.92
C LYS A 160 10.36 -26.22 -2.83
N ALA A 161 9.20 -26.38 -2.24
CA ALA A 161 7.93 -26.88 -2.75
C ALA A 161 6.94 -26.57 -1.59
N GLY A 162 5.73 -26.18 -1.91
CA GLY A 162 4.77 -25.74 -0.89
C GLY A 162 5.10 -24.31 -0.43
N VAL A 163 6.16 -23.79 -1.00
CA VAL A 163 6.66 -22.44 -0.74
C VAL A 163 5.82 -21.40 -1.49
N GLU A 164 5.73 -20.25 -0.86
CA GLU A 164 5.02 -19.10 -1.43
C GLU A 164 5.64 -17.80 -0.96
N THR A 165 6.82 -17.57 -1.56
CA THR A 165 7.57 -16.32 -1.37
C THR A 165 6.70 -15.26 -2.05
N THR A 166 6.80 -14.05 -1.59
CA THR A 166 5.83 -12.97 -1.91
C THR A 166 6.64 -11.71 -1.66
N LYS A 167 7.20 -11.24 -2.77
CA LYS A 167 8.32 -10.32 -2.83
C LYS A 167 8.06 -8.83 -2.80
N PRO A 168 9.20 -8.08 -2.85
CA PRO A 168 9.46 -7.02 -1.89
C PRO A 168 8.82 -5.68 -1.94
N SER A 169 8.05 -5.36 -0.90
CA SER A 169 7.39 -4.03 -0.82
C SER A 169 8.20 -3.07 0.04
N LYS A 170 8.59 -1.97 -0.59
CA LYS A 170 9.25 -0.84 0.11
C LYS A 170 8.34 -0.50 1.30
N GLN A 171 8.94 -0.26 2.43
CA GLN A 171 8.12 0.02 3.65
C GLN A 171 8.56 1.35 4.26
N SER A 172 7.72 1.85 5.14
CA SER A 172 7.85 3.12 5.84
C SER A 172 9.30 3.52 6.11
N ASN A 173 10.00 3.82 5.05
CA ASN A 173 11.41 4.19 5.00
C ASN A 173 11.70 4.42 3.49
N ASN A 174 11.85 3.30 2.86
CA ASN A 174 12.32 3.05 1.52
C ASN A 174 13.53 2.09 1.82
N LYS A 175 13.06 1.00 2.38
CA LYS A 175 13.79 -0.15 2.89
C LYS A 175 12.71 -1.27 2.80
N TYR A 176 13.12 -2.40 2.30
CA TYR A 176 12.16 -3.38 1.78
C TYR A 176 11.52 -4.27 2.80
N ALA A 177 10.61 -5.10 2.25
CA ALA A 177 9.76 -5.98 3.06
C ALA A 177 9.15 -7.11 2.24
N ALA A 178 9.87 -8.23 2.27
CA ALA A 178 9.44 -9.46 1.62
C ALA A 178 9.00 -10.47 2.67
N SER A 179 8.26 -11.46 2.18
CA SER A 179 7.81 -12.61 2.96
C SER A 179 7.91 -13.86 2.10
N SER A 180 7.95 -15.00 2.79
CA SER A 180 7.90 -16.31 2.10
C SER A 180 7.28 -17.32 3.07
N TYR A 181 6.52 -18.26 2.49
CA TYR A 181 5.92 -19.25 3.45
C TYR A 181 5.91 -20.68 2.98
N LEU A 182 5.89 -21.54 3.99
CA LEU A 182 5.83 -23.00 3.83
C LEU A 182 4.53 -23.51 4.45
N SER A 183 3.78 -24.27 3.68
CA SER A 183 2.62 -24.99 4.27
C SER A 183 3.10 -26.35 4.80
N LEU A 184 3.02 -26.48 6.11
CA LEU A 184 3.33 -27.77 6.75
C LEU A 184 2.10 -28.34 7.41
N THR A 185 1.84 -29.62 7.16
CA THR A 185 0.95 -30.39 8.07
C THR A 185 1.77 -30.94 9.24
N PRO A 186 1.12 -30.93 10.39
CA PRO A 186 1.81 -31.00 11.70
C PRO A 186 2.65 -32.27 11.77
N GLU A 187 2.19 -33.23 10.99
CA GLU A 187 2.88 -34.51 10.81
C GLU A 187 4.30 -34.29 10.31
N GLN A 188 4.43 -33.68 9.14
CA GLN A 188 5.73 -33.34 8.57
C GLN A 188 6.43 -32.36 9.54
N TRP A 189 5.63 -31.53 10.17
CA TRP A 189 6.18 -30.58 11.16
C TRP A 189 6.95 -31.32 12.25
N LYS A 190 6.41 -32.45 12.66
CA LYS A 190 6.99 -33.25 13.76
C LYS A 190 7.90 -34.32 13.17
N SER A 191 7.94 -34.27 11.84
CA SER A 191 8.98 -35.02 11.07
C SER A 191 10.21 -34.10 10.91
N HIS A 192 11.33 -34.69 10.59
CA HIS A 192 12.63 -34.14 10.34
C HIS A 192 13.03 -32.86 11.05
N ARG A 193 13.90 -33.02 12.01
CA ARG A 193 14.44 -32.12 12.98
C ARG A 193 14.24 -30.63 12.84
N SER A 194 14.92 -30.03 11.89
CA SER A 194 14.97 -28.57 11.74
C SER A 194 14.57 -28.19 10.31
N TYR A 195 14.03 -26.98 10.21
CA TYR A 195 13.74 -26.31 8.95
C TYR A 195 14.64 -25.08 8.84
N SER A 196 14.82 -24.66 7.59
CA SER A 196 15.55 -23.38 7.38
C SER A 196 14.78 -22.41 6.49
N CYS A 197 15.29 -21.19 6.47
CA CYS A 197 14.96 -20.13 5.53
C CYS A 197 16.28 -19.39 5.26
N GLN A 198 16.74 -19.34 4.01
CA GLN A 198 18.02 -18.66 3.73
C GLN A 198 17.97 -17.59 2.65
N VAL A 199 17.79 -16.39 3.14
CA VAL A 199 17.69 -15.11 2.46
C VAL A 199 19.06 -14.61 1.98
N THR A 200 19.23 -14.75 0.68
CA THR A 200 20.49 -14.36 0.02
C THR A 200 20.25 -13.04 -0.72
N HIS A 201 21.01 -12.06 -0.22
CA HIS A 201 20.82 -10.66 -0.65
C HIS A 201 22.18 -10.04 -0.91
N GLU A 202 22.35 -9.65 -2.17
CA GLU A 202 23.54 -8.99 -2.69
C GLU A 202 24.82 -9.73 -2.33
N GLY A 203 24.68 -11.03 -2.11
CA GLY A 203 25.82 -11.92 -1.85
C GLY A 203 25.76 -12.45 -0.42
N SER A 204 25.46 -11.50 0.47
CA SER A 204 25.40 -11.81 1.91
C SER A 204 24.17 -12.68 2.15
N THR A 205 24.45 -13.95 2.48
CA THR A 205 23.42 -14.96 2.76
C THR A 205 23.11 -14.98 4.25
N VAL A 206 21.87 -15.23 4.56
CA VAL A 206 21.43 -15.42 5.97
C VAL A 206 20.51 -16.64 6.02
N GLU A 207 20.84 -17.58 6.89
CA GLU A 207 20.06 -18.79 7.07
C GLU A 207 19.64 -18.89 8.53
N LYS A 208 18.34 -19.01 8.68
CA LYS A 208 17.69 -19.10 9.99
C LYS A 208 17.00 -20.47 10.06
N THR A 209 17.20 -21.14 11.18
CA THR A 209 16.65 -22.48 11.38
C THR A 209 15.62 -22.46 12.50
N VAL A 210 14.42 -22.98 12.25
CA VAL A 210 13.54 -23.29 13.38
C VAL A 210 13.52 -24.83 13.54
N ALA A 211 13.56 -25.17 14.82
CA ALA A 211 13.29 -26.54 15.28
C ALA A 211 12.02 -26.49 16.14
N PRO A 212 11.25 -27.56 16.07
CA PRO A 212 10.14 -27.83 16.97
C PRO A 212 10.28 -27.56 18.44
N THR A 213 11.32 -26.96 18.95
CA THR A 213 11.47 -26.82 20.42
C THR A 213 11.46 -25.39 20.90
N GLU A 214 10.28 -25.04 21.42
CA GLU A 214 9.92 -23.69 21.85
C GLU A 214 9.06 -23.70 23.11
N CYS A 215 8.03 -22.86 23.15
CA CYS A 215 7.13 -22.72 24.29
C CYS A 215 5.76 -22.20 23.83
N SER A 216 4.99 -23.09 23.23
CA SER A 216 3.58 -22.77 22.84
C SER A 216 2.68 -23.57 23.76
N PRO B 1 -5.21 13.66 5.47
CA PRO B 1 -4.87 12.24 5.44
C PRO B 1 -5.99 11.40 4.84
N SER B 2 -5.96 10.12 5.14
CA SER B 2 -6.96 9.14 4.70
C SER B 2 -8.29 9.28 5.42
N ALA B 3 -8.64 10.49 5.80
CA ALA B 3 -9.80 10.80 6.65
C ALA B 3 -11.15 10.53 5.97
N LEU B 4 -11.11 9.71 4.97
CA LEU B 4 -12.18 9.30 4.07
C LEU B 4 -11.76 7.85 3.66
N THR B 5 -12.60 6.91 3.99
CA THR B 5 -12.25 5.50 3.78
C THR B 5 -12.98 4.92 2.59
N GLN B 6 -12.27 4.00 1.92
CA GLN B 6 -12.73 3.29 0.74
C GLN B 6 -12.54 1.76 0.83
N PRO B 7 -13.50 1.04 0.27
CA PRO B 7 -13.45 -0.43 0.14
C PRO B 7 -12.19 -0.83 -0.61
N PRO B 8 -11.35 -1.62 0.04
CA PRO B 8 -10.00 -1.92 -0.45
C PRO B 8 -10.08 -2.57 -1.83
N SER B 9 -11.02 -3.51 -1.91
CA SER B 9 -11.31 -4.22 -3.15
C SER B 9 -12.80 -4.03 -3.45
N ALA B 10 -13.07 -3.56 -4.65
CA ALA B 10 -14.46 -3.46 -5.16
C ALA B 10 -14.45 -4.13 -6.54
N SER B 11 -15.39 -5.03 -6.74
CA SER B 11 -15.30 -5.91 -7.92
C SER B 11 -16.65 -6.42 -8.36
N GLY B 12 -16.63 -6.72 -9.65
CA GLY B 12 -17.82 -7.35 -10.30
C GLY B 12 -17.28 -8.11 -11.52
N SER B 13 -18.08 -8.05 -12.54
CA SER B 13 -17.85 -8.86 -13.75
C SER B 13 -18.14 -7.95 -14.93
N LEU B 14 -17.99 -8.50 -16.13
CA LEU B 14 -18.48 -7.80 -17.32
C LEU B 14 -20.01 -7.89 -17.19
N GLY B 15 -20.55 -6.86 -16.58
CA GLY B 15 -22.05 -6.83 -16.46
C GLY B 15 -22.38 -6.39 -15.04
N GLN B 16 -21.54 -6.90 -14.14
CA GLN B 16 -21.76 -6.49 -12.71
C GLN B 16 -21.49 -4.99 -12.61
N SER B 17 -22.50 -4.28 -12.10
CA SER B 17 -22.37 -2.84 -11.79
C SER B 17 -21.82 -2.72 -10.36
N VAL B 18 -20.94 -1.77 -10.13
CA VAL B 18 -20.07 -1.76 -8.94
C VAL B 18 -20.04 -0.41 -8.22
N THR B 19 -20.52 -0.40 -6.98
CA THR B 19 -20.59 0.81 -6.16
C THR B 19 -19.38 0.84 -5.22
N ILE B 20 -18.69 1.94 -5.28
CA ILE B 20 -17.56 2.22 -4.36
C ILE B 20 -18.09 3.27 -3.38
N SER B 21 -17.51 3.32 -2.21
CA SER B 21 -17.88 4.25 -1.15
C SER B 21 -16.63 5.00 -0.67
N CYS B 22 -16.80 6.30 -0.53
CA CYS B 22 -15.73 7.09 0.17
C CYS B 22 -16.53 7.67 1.33
N THR B 23 -16.32 7.05 2.49
CA THR B 23 -17.01 7.41 3.74
C THR B 23 -16.15 8.43 4.48
N GLY B 24 -16.78 9.48 5.00
CA GLY B 24 -15.98 10.55 5.62
C GLY B 24 -15.85 10.55 7.11
N THR B 25 -14.62 10.76 7.56
CA THR B 25 -14.26 11.07 8.95
C THR B 25 -14.74 12.50 9.27
N SER B 26 -14.80 13.28 8.20
CA SER B 26 -14.94 14.74 8.29
C SER B 26 -16.21 15.18 9.01
N SER B 27 -15.95 15.85 10.14
CA SER B 27 -16.98 16.75 10.75
C SER B 27 -16.82 18.02 9.90
N ASP B 28 -17.36 17.91 8.70
CA ASP B 28 -17.21 18.86 7.60
C ASP B 28 -18.22 18.44 6.51
N VAL B 29 -18.11 17.17 6.18
CA VAL B 29 -18.95 16.53 5.15
C VAL B 29 -20.37 17.04 5.26
N GLY B 30 -20.99 17.22 4.11
CA GLY B 30 -22.38 17.77 4.04
C GLY B 30 -22.23 19.27 3.80
N GLY B 31 -21.27 19.82 4.54
CA GLY B 31 -20.80 21.21 4.31
C GLY B 31 -19.69 21.02 3.24
N TYR B 32 -20.17 20.42 2.16
CA TYR B 32 -19.41 20.15 0.98
C TYR B 32 -20.27 19.53 -0.14
N ASN B 33 -19.75 19.83 -1.32
CA ASN B 33 -20.19 19.15 -2.56
C ASN B 33 -18.92 18.53 -3.18
N TYR B 34 -17.77 19.10 -2.79
CA TYR B 34 -16.51 18.93 -3.48
C TYR B 34 -15.89 17.56 -3.54
N VAL B 35 -16.63 16.48 -3.38
CA VAL B 35 -16.07 15.13 -3.56
C VAL B 35 -15.77 14.91 -5.05
N SER B 36 -14.58 14.38 -5.29
CA SER B 36 -14.12 14.19 -6.71
C SER B 36 -13.59 12.77 -6.88
N TRP B 37 -13.96 12.13 -7.97
CA TRP B 37 -13.52 10.74 -8.21
C TRP B 37 -12.38 10.72 -9.18
N TYR B 38 -11.27 10.10 -8.79
CA TYR B 38 -10.09 9.98 -9.68
C TYR B 38 -9.90 8.50 -10.02
N GLN B 39 -10.14 8.19 -11.29
CA GLN B 39 -9.88 6.75 -11.65
C GLN B 39 -8.40 6.70 -12.00
N GLN B 40 -7.83 5.50 -12.01
CA GLN B 40 -6.39 5.36 -12.30
C GLN B 40 -6.19 4.02 -12.98
N HIS B 41 -5.32 4.03 -13.97
CA HIS B 41 -4.84 2.80 -14.58
C HIS B 41 -3.42 2.46 -14.15
N ALA B 42 -2.98 1.30 -14.64
CA ALA B 42 -1.73 0.68 -14.20
C ALA B 42 -0.54 1.37 -14.84
N GLY B 43 -0.03 2.34 -14.10
CA GLY B 43 1.11 3.16 -14.62
C GLY B 43 0.41 4.07 -15.66
N LYS B 44 -0.58 4.76 -15.09
CA LYS B 44 -1.23 5.86 -15.89
C LYS B 44 -1.48 6.96 -14.88
N ALA B 45 -1.92 8.10 -15.34
CA ALA B 45 -2.20 9.24 -14.45
C ALA B 45 -3.60 9.08 -13.88
N PRO B 46 -3.76 9.58 -12.67
CA PRO B 46 -5.12 9.78 -12.11
C PRO B 46 -5.93 10.57 -13.14
N LYS B 47 -7.20 10.24 -13.25
CA LYS B 47 -8.08 10.77 -14.32
C LYS B 47 -9.46 11.05 -13.74
N VAL B 48 -9.63 12.29 -13.34
CA VAL B 48 -10.72 12.91 -12.65
C VAL B 48 -12.14 12.72 -13.15
N ILE B 49 -12.60 11.49 -13.22
CA ILE B 49 -13.89 11.08 -13.72
C ILE B 49 -15.14 11.66 -13.13
N ILE B 50 -15.10 12.32 -12.00
CA ILE B 50 -16.27 12.99 -11.42
C ILE B 50 -15.79 14.21 -10.62
N TYR B 51 -16.51 15.31 -10.81
CA TYR B 51 -16.25 16.55 -10.09
C TYR B 51 -17.49 16.88 -9.24
N GLU B 52 -17.16 17.68 -8.23
CA GLU B 52 -18.03 18.03 -7.13
C GLU B 52 -19.32 17.22 -7.11
N VAL B 53 -19.21 16.08 -6.46
CA VAL B 53 -20.23 15.07 -6.24
C VAL B 53 -20.91 14.49 -7.45
N ASN B 54 -21.40 15.25 -8.40
CA ASN B 54 -22.27 14.71 -9.45
C ASN B 54 -21.69 14.74 -10.86
N LYS B 55 -20.95 15.80 -11.20
CA LYS B 55 -20.73 16.10 -12.63
C LYS B 55 -19.44 15.51 -13.19
N ARG B 56 -19.62 14.63 -14.15
CA ARG B 56 -18.55 14.10 -14.99
C ARG B 56 -18.05 15.25 -15.88
N PRO B 57 -16.72 15.26 -16.01
CA PRO B 57 -16.07 16.00 -17.10
C PRO B 57 -15.95 15.17 -18.36
N SER B 58 -15.81 15.87 -19.47
CA SER B 58 -15.84 15.38 -20.84
C SER B 58 -15.10 14.08 -21.05
N GLY B 59 -15.83 13.14 -21.65
CA GLY B 59 -15.34 11.80 -21.95
C GLY B 59 -15.54 10.83 -20.80
N VAL B 60 -16.24 11.29 -19.77
CA VAL B 60 -16.59 10.35 -18.65
C VAL B 60 -18.01 9.91 -18.95
N PRO B 61 -18.14 8.68 -19.39
CA PRO B 61 -19.45 8.17 -19.84
C PRO B 61 -20.46 8.23 -18.72
N ASP B 62 -21.61 8.74 -19.08
CA ASP B 62 -22.84 8.85 -18.32
C ASP B 62 -23.22 7.67 -17.44
N ARG B 63 -22.42 6.64 -17.39
CA ARG B 63 -22.72 5.44 -16.61
C ARG B 63 -21.66 5.24 -15.54
N PHE B 64 -20.92 6.32 -15.32
CA PHE B 64 -20.11 6.51 -14.10
C PHE B 64 -20.99 7.56 -13.36
N SER B 65 -21.21 7.31 -12.10
CA SER B 65 -22.18 8.20 -11.39
C SER B 65 -21.55 8.64 -10.09
N GLY B 66 -22.06 9.69 -9.52
CA GLY B 66 -21.61 10.23 -8.23
C GLY B 66 -22.88 10.55 -7.42
N SER B 67 -22.81 10.20 -6.15
CA SER B 67 -23.96 10.44 -5.22
C SER B 67 -23.34 10.64 -3.84
N LYS B 68 -23.91 11.44 -2.97
CA LYS B 68 -23.37 11.55 -1.60
C LYS B 68 -24.45 11.86 -0.56
N SER B 69 -24.53 10.94 0.38
CA SER B 69 -25.50 11.06 1.49
C SER B 69 -24.74 10.93 2.81
N GLY B 70 -25.11 11.78 3.73
CA GLY B 70 -24.51 11.84 5.06
C GLY B 70 -23.01 12.06 4.99
N ASN B 71 -22.28 10.96 5.02
CA ASN B 71 -20.81 10.97 5.07
C ASN B 71 -20.21 10.30 3.81
N THR B 72 -21.00 9.34 3.35
CA THR B 72 -20.53 8.48 2.25
C THR B 72 -20.90 9.19 0.95
N ALA B 73 -19.82 9.57 0.29
CA ALA B 73 -19.86 9.88 -1.16
C ALA B 73 -19.87 8.47 -1.77
N SER B 74 -20.30 8.34 -2.98
CA SER B 74 -20.43 7.05 -3.66
C SER B 74 -20.28 7.25 -5.17
N LEU B 75 -19.82 6.17 -5.78
CA LEU B 75 -19.61 6.17 -7.24
C LEU B 75 -20.15 4.82 -7.74
N THR B 76 -20.78 4.89 -8.90
CA THR B 76 -21.29 3.61 -9.47
C THR B 76 -20.79 3.48 -10.90
N VAL B 77 -20.03 2.39 -11.10
CA VAL B 77 -19.79 1.95 -12.51
C VAL B 77 -21.09 1.17 -12.78
N SER B 78 -21.84 1.66 -13.74
CA SER B 78 -23.28 1.26 -13.81
C SER B 78 -23.46 0.14 -14.80
N GLY B 79 -22.34 -0.50 -15.14
CA GLY B 79 -22.34 -1.68 -16.03
C GLY B 79 -20.92 -2.10 -16.41
N LEU B 80 -20.22 -2.69 -15.45
CA LEU B 80 -18.78 -2.89 -15.59
C LEU B 80 -18.39 -3.52 -16.94
N GLN B 81 -17.36 -2.91 -17.49
CA GLN B 81 -16.67 -3.26 -18.72
C GLN B 81 -15.17 -3.43 -18.41
N ALA B 82 -14.52 -4.27 -19.13
CA ALA B 82 -13.18 -4.79 -18.90
C ALA B 82 -12.13 -3.88 -18.31
N GLU B 83 -11.76 -2.86 -19.09
CA GLU B 83 -10.75 -1.91 -18.68
C GLU B 83 -11.31 -0.80 -17.81
N ASP B 84 -12.42 -1.11 -17.13
CA ASP B 84 -12.83 -0.29 -15.97
C ASP B 84 -11.91 -0.73 -14.81
N GLU B 85 -11.19 -1.82 -15.06
CA GLU B 85 -10.17 -2.24 -14.06
C GLU B 85 -9.18 -1.16 -13.69
N ALA B 86 -9.27 -0.67 -12.44
CA ALA B 86 -8.48 0.50 -12.01
C ALA B 86 -8.60 0.87 -10.55
N ASP B 87 -7.61 1.60 -10.03
CA ASP B 87 -7.66 2.08 -8.61
C ASP B 87 -8.38 3.46 -8.57
N TYR B 88 -9.51 3.48 -7.92
CA TYR B 88 -10.35 4.68 -7.82
C TYR B 88 -10.18 5.37 -6.48
N TYR B 89 -9.70 6.61 -6.48
CA TYR B 89 -9.56 7.44 -5.29
C TYR B 89 -10.66 8.49 -5.21
N CYS B 90 -10.86 9.05 -4.02
CA CYS B 90 -11.82 10.13 -3.81
C CYS B 90 -11.16 11.33 -3.13
N SER B 91 -11.33 12.53 -3.70
CA SER B 91 -10.84 13.76 -3.06
C SER B 91 -11.96 14.54 -2.38
N SER B 92 -11.53 15.30 -1.36
CA SER B 92 -12.36 16.32 -0.72
C SER B 92 -11.51 17.56 -0.37
N TYR B 93 -12.00 18.67 -0.88
CA TYR B 93 -11.38 19.99 -0.88
C TYR B 93 -11.01 20.48 0.52
N GLU B 94 -11.70 19.98 1.51
CA GLU B 94 -11.48 20.30 2.91
C GLU B 94 -11.38 21.76 3.28
N GLY B 95 -10.49 22.54 2.70
CA GLY B 95 -10.41 24.01 2.95
C GLY B 95 -9.50 24.65 1.89
N SER B 96 -8.24 24.66 2.25
CA SER B 96 -7.09 25.04 1.41
C SER B 96 -5.83 24.92 2.29
N ASP B 97 -4.80 24.36 1.65
CA ASP B 97 -3.63 23.81 2.37
C ASP B 97 -3.95 22.38 2.85
N ASN B 98 -5.09 21.87 2.47
CA ASN B 98 -5.58 20.55 2.90
C ASN B 98 -6.64 20.08 1.89
N PHE B 99 -6.20 19.13 1.11
CA PHE B 99 -6.92 18.58 -0.07
C PHE B 99 -6.68 17.06 0.06
N VAL B 100 -7.64 16.38 0.66
CA VAL B 100 -7.32 14.96 1.06
C VAL B 100 -8.08 13.90 0.30
N PHE B 101 -7.43 12.75 0.14
CA PHE B 101 -7.90 11.63 -0.67
C PHE B 101 -8.32 10.43 0.19
N GLY B 102 -9.17 9.61 -0.40
CA GLY B 102 -9.51 8.26 0.11
C GLY B 102 -8.28 7.37 -0.16
N THR B 103 -8.30 6.16 0.35
CA THR B 103 -7.12 5.29 0.28
C THR B 103 -7.07 4.50 -1.03
N GLY B 104 -8.06 4.70 -1.87
CA GLY B 104 -8.10 4.06 -3.21
C GLY B 104 -8.82 2.73 -3.10
N THR B 105 -9.70 2.50 -4.05
CA THR B 105 -10.41 1.21 -4.17
C THR B 105 -9.59 0.37 -5.15
N LYS B 106 -10.26 -0.46 -5.89
CA LYS B 106 -9.64 -1.27 -6.96
C LYS B 106 -10.83 -1.99 -7.61
N VAL B 107 -11.22 -1.55 -8.80
CA VAL B 107 -12.31 -2.30 -9.48
C VAL B 107 -11.60 -3.50 -10.12
N THR B 108 -11.92 -4.68 -9.61
CA THR B 108 -11.45 -5.89 -10.31
C THR B 108 -12.65 -6.49 -11.06
N VAL B 109 -12.35 -6.94 -12.27
CA VAL B 109 -13.30 -7.81 -13.00
C VAL B 109 -12.84 -9.24 -12.66
N LEU B 110 -13.76 -9.98 -12.06
CA LEU B 110 -13.47 -11.34 -11.60
C LEU B 110 -13.45 -12.33 -12.76
N GLY B 111 -12.35 -13.04 -12.79
CA GLY B 111 -12.05 -14.11 -13.77
C GLY B 111 -11.26 -15.14 -12.92
N GLN B 112 -12.04 -15.75 -12.06
CA GLN B 112 -11.60 -16.64 -10.97
C GLN B 112 -12.76 -16.50 -9.95
N PRO B 113 -12.89 -17.45 -9.07
CA PRO B 113 -13.87 -17.32 -7.97
C PRO B 113 -13.25 -16.46 -6.89
N LYS B 114 -14.05 -15.73 -6.16
CA LYS B 114 -13.60 -14.88 -5.05
C LYS B 114 -12.96 -15.72 -3.94
N ALA B 115 -12.07 -15.07 -3.22
CA ALA B 115 -11.29 -15.81 -2.20
C ALA B 115 -11.08 -14.83 -1.06
N ASN B 116 -11.67 -15.20 0.05
CA ASN B 116 -11.54 -14.42 1.31
C ASN B 116 -10.19 -14.86 1.91
N PRO B 117 -9.57 -13.94 2.64
CA PRO B 117 -8.24 -14.20 3.20
C PRO B 117 -8.23 -15.42 4.11
N THR B 118 -7.02 -15.74 4.49
CA THR B 118 -6.60 -16.76 5.45
C THR B 118 -5.53 -16.02 6.27
N VAL B 119 -6.05 -15.26 7.22
CA VAL B 119 -5.23 -14.42 8.10
C VAL B 119 -4.61 -15.31 9.19
N THR B 120 -3.37 -15.71 9.00
CA THR B 120 -2.70 -16.48 10.06
C THR B 120 -1.69 -15.62 10.83
N LEU B 121 -2.13 -15.18 12.00
CA LEU B 121 -1.28 -14.37 12.88
C LEU B 121 -0.24 -15.27 13.54
N PHE B 122 0.92 -14.69 13.78
CA PHE B 122 2.05 -15.33 14.47
C PHE B 122 2.50 -14.44 15.63
N PRO B 123 2.97 -15.08 16.70
CA PRO B 123 3.48 -14.40 17.90
C PRO B 123 4.99 -14.46 18.02
N PRO B 124 5.54 -13.55 18.81
CA PRO B 124 6.99 -13.32 18.90
C PRO B 124 7.71 -14.58 19.33
N SER B 125 8.56 -15.09 18.45
CA SER B 125 9.30 -16.34 18.72
C SER B 125 10.13 -16.25 20.01
N SER B 126 10.26 -17.37 20.71
CA SER B 126 11.06 -17.50 21.92
C SER B 126 12.50 -17.06 21.76
N GLU B 127 13.23 -17.63 20.82
CA GLU B 127 14.64 -17.28 20.59
C GLU B 127 14.72 -15.82 20.19
N GLU B 128 13.71 -15.46 19.42
CA GLU B 128 13.46 -14.07 18.96
C GLU B 128 13.37 -13.14 20.16
N LEU B 129 12.62 -13.48 21.16
CA LEU B 129 12.52 -12.80 22.44
C LEU B 129 13.82 -12.95 23.23
N GLN B 130 14.54 -14.02 22.89
CA GLN B 130 15.76 -14.42 23.60
C GLN B 130 16.89 -13.44 23.28
N ALA B 131 16.53 -12.56 22.34
CA ALA B 131 17.43 -11.45 21.97
C ALA B 131 16.96 -10.10 22.47
N ASN B 132 15.89 -10.05 23.24
CA ASN B 132 15.19 -8.82 23.60
C ASN B 132 14.38 -8.24 22.44
N LYS B 133 13.91 -9.07 21.54
CA LYS B 133 13.21 -8.64 20.32
C LYS B 133 11.82 -9.27 20.17
N ALA B 134 10.78 -8.44 20.04
CA ALA B 134 9.41 -8.98 19.87
C ALA B 134 8.62 -8.43 18.69
N THR B 135 8.46 -9.25 17.65
CA THR B 135 7.77 -8.94 16.40
C THR B 135 6.59 -9.88 16.17
N LEU B 136 5.41 -9.34 15.88
CA LEU B 136 4.27 -10.18 15.44
C LEU B 136 4.10 -10.05 13.91
N VAL B 137 3.79 -11.14 13.25
CA VAL B 137 3.54 -11.14 11.79
C VAL B 137 2.17 -11.74 11.49
N CYS B 138 1.45 -11.11 10.54
CA CYS B 138 0.04 -11.49 10.28
C CYS B 138 -0.12 -11.94 8.83
N LEU B 139 0.37 -13.13 8.51
CA LEU B 139 0.42 -13.60 7.11
C LEU B 139 -0.99 -13.69 6.54
N ILE B 140 -1.35 -12.74 5.67
CA ILE B 140 -2.65 -12.84 4.97
C ILE B 140 -2.41 -13.71 3.71
N SER B 141 -3.10 -14.83 3.66
CA SER B 141 -2.89 -15.79 2.56
C SER B 141 -4.18 -16.10 1.83
N ASP B 142 -4.09 -16.27 0.51
CA ASP B 142 -5.09 -16.89 -0.32
C ASP B 142 -6.33 -16.10 -0.69
N PHE B 143 -6.18 -14.85 -1.04
CA PHE B 143 -7.30 -13.98 -1.43
C PHE B 143 -7.34 -13.67 -2.93
N TYR B 144 -8.51 -13.18 -3.28
CA TYR B 144 -8.81 -12.66 -4.65
C TYR B 144 -10.11 -11.87 -4.51
N PRO B 145 -10.27 -10.74 -5.15
CA PRO B 145 -9.23 -9.91 -5.74
C PRO B 145 -8.09 -9.57 -4.79
N GLY B 146 -6.98 -9.11 -5.34
CA GLY B 146 -5.78 -8.76 -4.62
C GLY B 146 -5.74 -7.38 -4.01
N ALA B 147 -6.63 -7.09 -3.08
CA ALA B 147 -6.62 -5.85 -2.30
C ALA B 147 -7.25 -6.10 -0.93
N VAL B 148 -6.61 -5.56 0.09
CA VAL B 148 -6.91 -5.91 1.49
C VAL B 148 -6.51 -4.78 2.43
N THR B 149 -7.15 -4.73 3.61
CA THR B 149 -6.80 -3.69 4.59
C THR B 149 -6.51 -4.28 5.96
N VAL B 150 -5.27 -4.14 6.40
CA VAL B 150 -4.83 -4.76 7.67
C VAL B 150 -4.78 -3.61 8.69
N ALA B 151 -5.33 -3.90 9.83
CA ALA B 151 -5.18 -3.03 11.01
C ALA B 151 -4.55 -3.89 12.11
N TRP B 152 -4.00 -3.22 13.08
CA TRP B 152 -3.35 -3.84 14.23
C TRP B 152 -3.90 -3.14 15.47
N LYS B 153 -4.20 -3.92 16.49
CA LYS B 153 -4.76 -3.35 17.73
C LYS B 153 -4.12 -4.03 18.95
N ALA B 154 -4.33 -3.34 20.06
CA ALA B 154 -3.97 -3.84 21.39
C ALA B 154 -4.95 -3.24 22.40
N ASP B 155 -5.65 -4.11 23.11
CA ASP B 155 -6.44 -3.70 24.29
C ASP B 155 -7.51 -2.67 23.96
N GLY B 156 -8.27 -2.93 22.91
CA GLY B 156 -9.29 -2.05 22.38
C GLY B 156 -8.77 -0.71 21.87
N SER B 157 -7.46 -0.62 21.67
CA SER B 157 -6.84 0.60 21.10
C SER B 157 -5.98 0.23 19.89
N PRO B 158 -6.43 0.70 18.73
CA PRO B 158 -5.69 0.53 17.47
C PRO B 158 -4.23 0.92 17.67
N VAL B 159 -3.37 0.15 17.07
CA VAL B 159 -1.92 0.48 16.98
C VAL B 159 -1.57 0.71 15.52
N LYS B 160 -1.72 1.96 15.10
CA LYS B 160 -1.28 2.42 13.77
C LYS B 160 0.25 2.49 13.73
N ALA B 161 0.84 2.57 14.92
CA ALA B 161 2.21 2.96 15.13
C ALA B 161 3.29 1.93 15.25
N GLY B 162 3.31 0.86 14.47
CA GLY B 162 4.45 -0.08 14.50
C GLY B 162 4.51 -0.99 13.29
N VAL B 163 3.61 -0.73 12.35
CA VAL B 163 3.26 -1.74 11.35
C VAL B 163 3.95 -1.51 10.01
N GLU B 164 3.99 -2.61 9.27
CA GLU B 164 4.27 -2.52 7.81
C GLU B 164 3.29 -3.50 7.17
N THR B 165 2.87 -3.18 5.98
CA THR B 165 2.05 -4.08 5.14
C THR B 165 2.86 -4.19 3.84
N THR B 166 2.68 -5.32 3.24
CA THR B 166 3.39 -5.58 1.93
C THR B 166 2.31 -5.33 0.91
N LYS B 167 2.42 -5.88 -0.27
CA LYS B 167 1.42 -5.67 -1.34
C LYS B 167 1.16 -7.03 -1.99
N PRO B 168 -0.11 -7.34 -2.09
CA PRO B 168 -0.54 -8.71 -2.44
C PRO B 168 0.19 -9.17 -3.68
N SER B 169 0.70 -10.39 -3.63
CA SER B 169 1.40 -10.99 -4.78
C SER B 169 0.61 -12.17 -5.32
N LYS B 170 1.00 -12.58 -6.51
CA LYS B 170 0.34 -13.68 -7.24
C LYS B 170 1.14 -14.94 -6.91
N GLN B 171 0.41 -15.87 -6.31
CA GLN B 171 1.02 -17.18 -5.99
C GLN B 171 0.61 -18.16 -7.11
N SER B 172 1.38 -19.21 -7.22
CA SER B 172 1.22 -20.23 -8.25
C SER B 172 -0.14 -20.89 -8.23
N ASN B 173 -1.06 -20.35 -7.45
CA ASN B 173 -2.47 -20.78 -7.47
C ASN B 173 -3.36 -19.64 -7.95
N ASN B 174 -2.72 -18.63 -8.52
CA ASN B 174 -3.38 -17.40 -8.99
C ASN B 174 -4.20 -16.76 -7.86
N LYS B 175 -3.90 -17.19 -6.65
CA LYS B 175 -4.49 -16.55 -5.45
C LYS B 175 -3.40 -15.66 -4.86
N TYR B 176 -3.81 -14.55 -4.32
CA TYR B 176 -2.89 -13.54 -3.78
C TYR B 176 -2.48 -13.78 -2.34
N ALA B 177 -1.36 -13.16 -2.00
CA ALA B 177 -0.74 -13.28 -0.67
C ALA B 177 -0.10 -11.96 -0.25
N ALA B 178 -0.44 -11.60 0.98
CA ALA B 178 0.14 -10.47 1.67
C ALA B 178 0.70 -10.96 3.03
N SER B 179 1.42 -10.03 3.62
CA SER B 179 2.05 -10.19 4.93
C SER B 179 1.59 -8.96 5.72
N SER B 180 2.37 -8.50 6.65
CA SER B 180 2.09 -7.35 7.50
C SER B 180 2.61 -7.68 8.90
N TYR B 181 3.03 -6.64 9.60
CA TYR B 181 3.69 -6.86 10.90
C TYR B 181 3.65 -5.68 11.84
N LEU B 182 3.99 -6.01 13.09
CA LEU B 182 4.14 -5.04 14.20
C LEU B 182 5.37 -5.49 15.00
N SER B 183 6.48 -4.86 14.67
CA SER B 183 7.77 -5.11 15.32
C SER B 183 7.95 -4.16 16.51
N LEU B 184 8.16 -4.77 17.67
CA LEU B 184 8.35 -4.08 18.93
C LEU B 184 9.32 -4.79 19.88
N THR B 185 9.18 -4.37 21.14
CA THR B 185 10.03 -4.81 22.23
C THR B 185 9.20 -5.40 23.38
N PRO B 186 9.82 -6.45 23.94
CA PRO B 186 9.14 -7.38 24.84
C PRO B 186 8.35 -6.59 25.87
N GLU B 187 8.86 -5.45 26.29
CA GLU B 187 8.08 -4.51 27.12
C GLU B 187 6.67 -4.29 26.62
N GLN B 188 6.47 -3.72 25.43
CA GLN B 188 5.17 -3.42 24.86
C GLN B 188 4.36 -4.71 24.58
N TRP B 189 5.13 -5.73 24.22
CA TRP B 189 4.45 -7.06 24.00
C TRP B 189 3.88 -7.57 25.31
N LYS B 190 4.71 -7.73 26.30
CA LYS B 190 4.47 -8.21 27.63
C LYS B 190 3.35 -7.46 28.34
N SER B 191 3.46 -6.14 28.33
CA SER B 191 2.55 -5.27 29.07
C SER B 191 1.12 -5.29 28.59
N HIS B 192 0.74 -6.24 27.73
CA HIS B 192 -0.59 -6.22 27.11
C HIS B 192 -1.36 -7.51 27.20
N ARG B 193 -2.68 -7.35 27.09
CA ARG B 193 -3.66 -8.44 27.25
C ARG B 193 -3.89 -9.18 25.94
N SER B 194 -4.13 -8.43 24.88
CA SER B 194 -4.35 -9.04 23.55
C SER B 194 -3.59 -8.31 22.46
N TYR B 195 -3.60 -8.90 21.28
CA TYR B 195 -3.07 -8.29 20.06
C TYR B 195 -3.82 -8.82 18.85
N SER B 196 -4.78 -8.02 18.41
CA SER B 196 -5.60 -8.47 17.25
C SER B 196 -5.02 -7.90 15.94
N CYS B 197 -4.71 -8.79 15.01
CA CYS B 197 -4.50 -8.41 13.61
C CYS B 197 -5.92 -8.41 13.01
N GLN B 198 -6.35 -7.27 12.51
CA GLN B 198 -7.65 -7.23 11.80
C GLN B 198 -7.36 -7.17 10.30
N VAL B 199 -8.18 -7.83 9.49
CA VAL B 199 -8.04 -7.76 8.02
C VAL B 199 -9.41 -7.72 7.35
N THR B 200 -9.51 -6.89 6.31
CA THR B 200 -10.78 -6.64 5.61
C THR B 200 -10.62 -6.79 4.10
N HIS B 201 -11.52 -7.57 3.52
CA HIS B 201 -11.48 -7.93 2.09
C HIS B 201 -12.92 -8.11 1.59
N GLU B 202 -13.38 -6.93 1.16
CA GLU B 202 -14.70 -6.66 0.66
C GLU B 202 -15.75 -7.60 1.25
N GLY B 203 -16.44 -7.03 2.24
CA GLY B 203 -17.53 -7.74 2.94
C GLY B 203 -16.83 -8.38 4.17
N SER B 204 -16.24 -9.54 3.85
CA SER B 204 -15.57 -10.29 4.94
C SER B 204 -14.53 -9.41 5.63
N THR B 205 -14.59 -9.45 6.94
CA THR B 205 -13.64 -8.82 7.87
C THR B 205 -13.33 -9.91 8.93
N VAL B 206 -12.07 -10.28 9.03
CA VAL B 206 -11.67 -11.31 10.00
C VAL B 206 -10.49 -10.78 10.82
N GLU B 207 -10.66 -10.96 12.10
CA GLU B 207 -9.79 -10.46 13.16
C GLU B 207 -9.25 -11.72 13.84
N LYS B 208 -7.96 -11.84 13.91
CA LYS B 208 -7.33 -12.96 14.66
C LYS B 208 -6.55 -12.29 15.80
N THR B 209 -6.68 -12.84 16.98
CA THR B 209 -6.16 -12.22 18.21
C THR B 209 -5.20 -13.15 18.94
N VAL B 210 -4.02 -12.61 19.20
CA VAL B 210 -2.97 -13.32 19.96
C VAL B 210 -2.92 -12.78 21.38
N ALA B 211 -2.35 -13.59 22.27
CA ALA B 211 -2.13 -13.18 23.67
C ALA B 211 -0.68 -13.34 24.13
N PRO B 212 -0.29 -12.42 25.01
CA PRO B 212 0.99 -12.48 25.73
C PRO B 212 0.90 -13.45 26.91
N THR B 213 0.99 -14.72 26.58
CA THR B 213 1.13 -15.83 27.53
C THR B 213 2.52 -16.42 27.26
N GLU B 214 3.53 -15.56 27.38
CA GLU B 214 4.92 -15.91 27.16
C GLU B 214 5.60 -16.59 28.35
N CYS B 215 6.50 -17.46 27.94
CA CYS B 215 7.42 -18.27 28.71
C CYS B 215 8.56 -17.40 29.25
N SER B 216 9.60 -17.27 28.43
CA SER B 216 10.85 -16.61 28.79
C SER B 216 11.78 -16.64 27.55
N GLN C 2 -9.19 19.22 -8.52
CA GLN C 2 -8.05 19.75 -7.78
C GLN C 2 -8.67 20.54 -6.60
N HIS C 4 -10.06 23.81 -7.75
CA HIS C 4 -9.91 25.18 -8.23
C HIS C 4 -11.07 25.78 -8.94
#